data_4H2B
#
_entry.id   4H2B
#
_cell.length_a   67.263
_cell.length_b   131.056
_cell.length_c   66.238
_cell.angle_alpha   90.00
_cell.angle_beta   90.00
_cell.angle_gamma   90.00
#
_symmetry.space_group_name_H-M   'P 21 21 2'
#
loop_
_entity.id
_entity.type
_entity.pdbx_description
1 polymer "5'-nucleotidase"
2 non-polymer 'ZINC ION'
3 non-polymer '5,6-dihydroxy-4-oxo-2-phenyl-4H-chromen-7-yl beta-D-glucopyranosiduronic acid'
4 non-polymer 'CALCIUM ION'
5 non-polymer 'CHLORIDE ION'
6 water water
#
_entity_poly.entity_id   1
_entity_poly.type   'polypeptide(L)'
_entity_poly.pdbx_seq_one_letter_code
;MAHHHHHHVGTGSNDDDDKSPDPPWELTILHTNDVHSRLEQTSEDSSKCVDASRCMGGVARLFTKVQQIRRAEPNVLLLD
AGDQYQGTIWFTVYKGAEVAHFMNALRYDAMALGNHEFDNGVEGLIEPLLKEAKFPILSANISASGPLASQISGLYLPYK
VLPVGDEVVGIVGYTSKETPFLSNPGTNLVFEDEITALQPEVDKLKTLNVNKIIALGHSGFEMDKLIAQKVRGVDVVVGG
HSNTFLYTGNPPSKEVPAGKYPFIVTSDDGRKVPVVQAYAFGKYLGYLKIEFDERGNVISSHGNPILLDSSIPEDPSIKA
DINKWRIKLDDYSTQELGKTIVYLDGSSQSCRFRECNMGNLICDAMINNNLRHADEMFWNHVSMCILNGGGIRSPIDERN
DGTITWENLAAVLPFGGTFDLVQLKGSTLKKAFEHSVHRYGQSTGEFLQVGGIHVVYDLSRKPGDRVVKLDVLCTSCRVP
SYDPLKMDEVYKVILPNFLANGGDGFQMIKDELLRHDSGDQDINVVSTYISKMKVIYPAVEGRIKFS
;
_entity_poly.pdbx_strand_id   A
#
loop_
_chem_comp.id
_chem_comp.type
_chem_comp.name
_chem_comp.formula
0XE non-polymer '5,6-dihydroxy-4-oxo-2-phenyl-4H-chromen-7-yl beta-D-glucopyranosiduronic acid' 'C21 H18 O11'
CA non-polymer 'CALCIUM ION' 'Ca 2'
CL non-polymer 'CHLORIDE ION' 'Cl -1'
ZN non-polymer 'ZINC ION' 'Zn 2'
#
# COMPACT_ATOMS: atom_id res chain seq x y z
N PRO A 24 9.86 -22.20 30.11
CA PRO A 24 9.35 -21.10 29.26
C PRO A 24 8.20 -21.54 28.37
N TRP A 25 7.31 -20.62 28.05
CA TRP A 25 6.20 -20.89 27.16
C TRP A 25 6.58 -20.26 25.81
N GLU A 26 6.59 -21.03 24.71
CA GLU A 26 7.09 -20.56 23.44
C GLU A 26 5.96 -20.33 22.45
N LEU A 27 5.89 -19.12 21.95
CA LEU A 27 4.89 -18.75 20.95
C LEU A 27 5.54 -18.48 19.62
N THR A 28 4.92 -18.99 18.53
CA THR A 28 5.32 -18.74 17.16
C THR A 28 4.32 -17.79 16.54
N ILE A 29 4.75 -16.58 16.19
CA ILE A 29 3.96 -15.60 15.49
C ILE A 29 4.31 -15.64 14.00
N LEU A 30 3.33 -16.04 13.21
CA LEU A 30 3.37 -15.96 11.81
C LEU A 30 2.66 -14.72 11.40
N HIS A 31 3.17 -13.97 10.46
CA HIS A 31 2.56 -12.67 10.14
C HIS A 31 2.80 -12.21 8.72
N THR A 32 1.77 -11.57 8.18
CA THR A 32 1.76 -10.93 6.88
C THR A 32 1.30 -9.46 7.03
N ASN A 33 1.69 -8.64 6.05
CA ASN A 33 1.31 -7.24 6.01
C ASN A 33 1.39 -6.74 4.60
N ASP A 34 0.48 -5.86 4.25
CA ASP A 34 0.54 -5.19 2.95
C ASP A 34 0.54 -6.20 1.80
N VAL A 35 -0.27 -7.22 1.96
CA VAL A 35 -0.41 -8.26 0.94
C VAL A 35 -0.98 -7.66 -0.35
N HIS A 36 -1.83 -6.69 -0.24
CA HIS A 36 -2.21 -5.84 -1.37
C HIS A 36 -2.65 -6.71 -2.60
N SER A 37 -3.59 -7.61 -2.29
CA SER A 37 -4.37 -8.25 -3.34
CA SER A 37 -4.37 -8.28 -3.33
C SER A 37 -3.53 -9.20 -4.20
N ARG A 38 -2.38 -9.64 -3.65
CA ARG A 38 -1.53 -10.59 -4.33
C ARG A 38 -2.06 -12.03 -3.99
N LEU A 39 -3.26 -12.33 -4.47
CA LEU A 39 -3.86 -13.66 -4.19
C LEU A 39 -3.14 -14.75 -4.96
N GLU A 40 -2.71 -14.41 -6.19
CA GLU A 40 -1.98 -15.28 -7.06
C GLU A 40 -0.50 -15.10 -6.82
N GLN A 41 0.26 -16.17 -7.08
CA GLN A 41 1.73 -16.06 -7.06
C GLN A 41 2.15 -14.99 -8.09
N THR A 42 3.31 -14.37 -7.84
CA THR A 42 3.77 -13.20 -8.57
C THR A 42 5.17 -13.46 -9.05
N SER A 43 5.66 -12.56 -9.91
CA SER A 43 7.07 -12.49 -10.24
CA SER A 43 7.07 -12.53 -10.21
C SER A 43 7.89 -12.14 -8.99
N GLU A 44 9.21 -12.18 -9.15
CA GLU A 44 10.06 -11.74 -8.01
C GLU A 44 9.87 -10.31 -7.61
N ASP A 45 9.39 -9.43 -8.54
CA ASP A 45 9.16 -8.04 -8.20
CA ASP A 45 9.15 -8.03 -8.25
C ASP A 45 7.68 -7.77 -7.88
N SER A 46 6.93 -8.84 -7.64
CA SER A 46 5.61 -8.82 -7.18
C SER A 46 4.61 -8.39 -8.26
N SER A 47 5.05 -8.39 -9.50
CA SER A 47 4.15 -8.14 -10.64
C SER A 47 3.59 -9.47 -11.17
N LYS A 48 2.98 -9.43 -12.35
CA LYS A 48 2.37 -10.64 -12.87
C LYS A 48 3.42 -11.77 -12.99
N CYS A 49 3.03 -12.96 -12.53
CA CYS A 49 3.82 -14.17 -12.73
C CYS A 49 3.86 -14.51 -14.20
N VAL A 50 5.05 -14.56 -14.79
CA VAL A 50 5.22 -14.96 -16.17
C VAL A 50 5.87 -16.32 -16.22
N ASP A 51 6.97 -16.48 -15.50
CA ASP A 51 7.73 -17.75 -15.57
C ASP A 51 7.41 -18.52 -14.27
N ALA A 52 6.35 -19.33 -14.30
CA ALA A 52 5.78 -19.97 -13.08
C ALA A 52 6.81 -20.69 -12.21
N SER A 53 7.73 -21.38 -12.85
CA SER A 53 8.73 -22.11 -12.10
C SER A 53 9.60 -21.24 -11.26
N ARG A 54 9.57 -19.90 -11.47
CA ARG A 54 10.29 -18.96 -10.63
C ARG A 54 9.36 -18.03 -9.83
N CYS A 55 8.06 -18.29 -9.80
CA CYS A 55 7.18 -17.31 -9.15
C CYS A 55 7.17 -17.49 -7.63
N MET A 56 6.57 -16.54 -6.96
CA MET A 56 6.65 -16.47 -5.51
C MET A 56 5.36 -16.06 -4.91
N GLY A 57 5.17 -16.33 -3.61
CA GLY A 57 4.00 -15.85 -2.95
C GLY A 57 2.70 -16.45 -3.40
N GLY A 58 1.61 -15.71 -3.15
CA GLY A 58 0.25 -16.18 -3.43
C GLY A 58 -0.26 -16.94 -2.23
N VAL A 59 -1.56 -17.00 -2.12
CA VAL A 59 -2.19 -17.61 -0.95
CA VAL A 59 -2.15 -17.59 -0.97
C VAL A 59 -2.11 -19.13 -0.96
N ALA A 60 -2.04 -19.75 -2.16
CA ALA A 60 -1.97 -21.20 -2.17
C ALA A 60 -0.61 -21.66 -1.58
N ARG A 61 0.50 -20.97 -1.90
CA ARG A 61 1.82 -21.29 -1.34
C ARG A 61 1.87 -20.93 0.14
N LEU A 62 1.32 -19.80 0.53
CA LEU A 62 1.23 -19.40 1.92
C LEU A 62 0.51 -20.47 2.73
N PHE A 63 -0.61 -21.00 2.19
CA PHE A 63 -1.31 -22.08 2.87
C PHE A 63 -0.36 -23.25 3.19
N THR A 64 0.39 -23.75 2.17
CA THR A 64 1.31 -24.81 2.37
C THR A 64 2.25 -24.61 3.58
N LYS A 65 2.88 -23.45 3.57
CA LYS A 65 3.86 -23.13 4.58
C LYS A 65 3.24 -22.98 5.97
N VAL A 66 2.11 -22.30 6.07
CA VAL A 66 1.46 -22.14 7.36
C VAL A 66 1.04 -23.52 7.89
N GLN A 67 0.52 -24.40 7.03
CA GLN A 67 0.13 -25.72 7.44
C GLN A 67 1.31 -26.53 7.94
N GLN A 68 2.45 -26.41 7.27
CA GLN A 68 3.62 -27.12 7.68
CA GLN A 68 3.64 -27.09 7.67
C GLN A 68 4.05 -26.65 9.07
N ILE A 69 3.99 -25.36 9.27
CA ILE A 69 4.48 -24.79 10.58
C ILE A 69 3.56 -25.20 11.70
N ARG A 70 2.26 -25.14 11.42
CA ARG A 70 1.30 -25.59 12.44
C ARG A 70 1.35 -27.09 12.75
N ARG A 71 1.88 -27.93 11.84
CA ARG A 71 2.08 -29.29 12.23
C ARG A 71 3.22 -29.41 13.24
N ALA A 72 4.23 -28.57 13.12
CA ALA A 72 5.46 -28.67 13.94
C ALA A 72 5.45 -27.91 15.25
N GLU A 73 4.74 -26.81 15.33
CA GLU A 73 4.84 -25.92 16.53
C GLU A 73 3.49 -25.89 17.26
N PRO A 74 3.48 -26.06 18.57
CA PRO A 74 2.20 -26.17 19.24
C PRO A 74 1.44 -24.91 19.43
N ASN A 75 2.15 -23.79 19.58
CA ASN A 75 1.49 -22.52 19.93
C ASN A 75 1.78 -21.53 18.81
N VAL A 76 0.82 -21.37 17.91
CA VAL A 76 0.96 -20.58 16.69
C VAL A 76 -0.15 -19.59 16.57
N LEU A 77 0.21 -18.33 16.29
CA LEU A 77 -0.73 -17.36 15.84
C LEU A 77 -0.42 -16.85 14.46
N LEU A 78 -1.40 -16.73 13.60
CA LEU A 78 -1.25 -16.17 12.27
C LEU A 78 -2.01 -14.85 12.20
N LEU A 79 -1.22 -13.83 12.00
CA LEU A 79 -1.69 -12.42 12.13
C LEU A 79 -1.45 -11.66 10.87
N ASP A 80 -2.37 -10.74 10.57
CA ASP A 80 -2.16 -9.84 9.43
C ASP A 80 -2.20 -8.39 9.94
N ALA A 81 -1.24 -7.59 9.52
CA ALA A 81 -1.13 -6.19 9.97
C ALA A 81 -1.76 -5.14 9.04
N GLY A 82 -2.72 -5.58 8.24
CA GLY A 82 -3.52 -4.73 7.37
C GLY A 82 -3.05 -4.58 5.93
N ASP A 83 -3.87 -3.89 5.14
CA ASP A 83 -3.66 -3.61 3.73
C ASP A 83 -3.63 -4.94 2.97
N GLN A 84 -4.61 -5.76 3.24
CA GLN A 84 -5.03 -6.80 2.28
C GLN A 84 -5.73 -6.18 1.05
N TYR A 85 -6.56 -5.16 1.32
CA TYR A 85 -7.25 -4.46 0.23
C TYR A 85 -6.25 -3.73 -0.67
N GLN A 86 -6.64 -3.63 -1.94
CA GLN A 86 -6.06 -2.78 -2.98
C GLN A 86 -4.79 -3.42 -3.57
N GLY A 87 -4.75 -3.57 -4.90
CA GLY A 87 -3.44 -3.97 -5.48
C GLY A 87 -3.51 -4.65 -6.82
N THR A 88 -4.60 -5.43 -7.07
CA THR A 88 -4.72 -6.09 -8.34
C THR A 88 -6.22 -6.11 -8.75
N ILE A 89 -6.50 -6.68 -9.92
CA ILE A 89 -7.82 -6.86 -10.43
C ILE A 89 -8.70 -7.70 -9.48
N TRP A 90 -8.08 -8.49 -8.61
CA TRP A 90 -8.89 -9.27 -7.63
C TRP A 90 -9.71 -8.35 -6.74
N PHE A 91 -9.08 -7.27 -6.30
CA PHE A 91 -9.75 -6.30 -5.42
C PHE A 91 -10.72 -5.50 -6.23
N THR A 92 -10.36 -5.12 -7.45
CA THR A 92 -11.29 -4.38 -8.32
C THR A 92 -12.63 -5.07 -8.51
N VAL A 93 -12.54 -6.38 -8.73
CA VAL A 93 -13.72 -7.17 -9.05
C VAL A 93 -14.44 -7.65 -7.74
N TYR A 94 -13.72 -8.28 -6.86
CA TYR A 94 -14.33 -8.94 -5.66
C TYR A 94 -14.45 -8.01 -4.44
N LYS A 95 -13.78 -6.87 -4.48
CA LYS A 95 -14.01 -5.81 -3.49
C LYS A 95 -13.87 -6.16 -2.03
N GLY A 96 -12.99 -7.13 -1.73
CA GLY A 96 -12.83 -7.56 -0.39
C GLY A 96 -13.41 -8.95 -0.11
N ALA A 97 -14.31 -9.49 -0.93
CA ALA A 97 -14.91 -10.78 -0.66
C ALA A 97 -13.79 -11.82 -0.81
N GLU A 98 -12.81 -11.53 -1.66
CA GLU A 98 -11.71 -12.44 -1.84
C GLU A 98 -10.81 -12.48 -0.61
N VAL A 99 -10.70 -11.34 0.05
CA VAL A 99 -9.90 -11.24 1.27
C VAL A 99 -10.56 -12.07 2.35
N ALA A 100 -11.86 -11.84 2.62
CA ALA A 100 -12.55 -12.68 3.61
C ALA A 100 -12.42 -14.15 3.30
N HIS A 101 -12.64 -14.51 2.03
CA HIS A 101 -12.76 -15.90 1.71
C HIS A 101 -11.38 -16.55 1.93
N PHE A 102 -10.31 -15.98 1.34
CA PHE A 102 -9.01 -16.59 1.43
C PHE A 102 -8.33 -16.47 2.77
N MET A 103 -8.54 -15.36 3.49
CA MET A 103 -8.04 -15.29 4.85
C MET A 103 -8.75 -16.28 5.77
N ASN A 104 -10.01 -16.50 5.53
CA ASN A 104 -10.76 -17.53 6.29
C ASN A 104 -10.18 -18.89 6.03
N ALA A 105 -9.84 -19.16 4.75
CA ALA A 105 -9.35 -20.49 4.36
C ALA A 105 -7.98 -20.74 4.97
N LEU A 106 -7.17 -19.69 5.16
CA LEU A 106 -5.88 -19.85 5.85
CA LEU A 106 -5.88 -19.72 5.84
C LEU A 106 -6.02 -19.81 7.37
N ARG A 107 -7.21 -19.54 7.90
CA ARG A 107 -7.54 -19.55 9.33
C ARG A 107 -6.61 -18.51 10.05
N TYR A 108 -6.55 -17.32 9.51
CA TYR A 108 -5.96 -16.21 10.30
C TYR A 108 -6.60 -16.08 11.65
N ASP A 109 -5.75 -15.72 12.62
CA ASP A 109 -6.20 -15.57 13.98
C ASP A 109 -6.70 -14.17 14.30
N ALA A 110 -6.11 -13.16 13.67
CA ALA A 110 -6.49 -11.76 13.82
C ALA A 110 -5.92 -10.94 12.71
N MET A 111 -6.57 -9.82 12.45
CA MET A 111 -6.08 -8.86 11.46
C MET A 111 -6.29 -7.46 12.02
N ALA A 112 -5.34 -6.56 11.79
CA ALA A 112 -5.49 -5.15 12.09
C ALA A 112 -5.95 -4.39 10.84
N LEU A 113 -6.77 -3.39 11.02
CA LEU A 113 -7.18 -2.56 9.89
C LEU A 113 -6.05 -1.67 9.39
N GLY A 114 -5.82 -1.72 8.08
CA GLY A 114 -4.88 -0.87 7.34
C GLY A 114 -5.58 0.33 6.73
N ASN A 115 -4.81 1.29 6.24
CA ASN A 115 -5.40 2.39 5.51
C ASN A 115 -6.22 2.00 4.28
N HIS A 116 -5.69 1.01 3.54
CA HIS A 116 -6.38 0.64 2.33
C HIS A 116 -7.67 -0.12 2.55
N GLU A 117 -7.90 -0.62 3.78
CA GLU A 117 -9.16 -1.20 4.09
C GLU A 117 -10.35 -0.19 4.00
N PHE A 118 -10.05 1.12 3.95
CA PHE A 118 -11.04 2.19 3.80
C PHE A 118 -11.18 2.74 2.35
N ASP A 119 -10.57 2.04 1.36
CA ASP A 119 -10.53 2.55 0.00
C ASP A 119 -11.93 2.66 -0.59
N ASN A 120 -12.84 1.76 -0.23
CA ASN A 120 -14.19 1.76 -0.68
C ASN A 120 -15.15 2.27 0.40
N GLY A 121 -14.63 3.15 1.25
CA GLY A 121 -15.45 3.77 2.25
C GLY A 121 -15.68 2.80 3.39
N VAL A 122 -16.33 3.30 4.41
CA VAL A 122 -16.77 2.43 5.54
CA VAL A 122 -16.64 2.40 5.52
C VAL A 122 -17.68 1.33 5.07
N GLU A 123 -18.60 1.66 4.14
CA GLU A 123 -19.53 0.67 3.66
C GLU A 123 -18.83 -0.49 2.97
N GLY A 124 -17.75 -0.17 2.27
CA GLY A 124 -16.92 -1.24 1.57
C GLY A 124 -15.99 -2.04 2.45
N LEU A 125 -15.95 -1.68 3.72
CA LEU A 125 -15.23 -2.42 4.74
C LEU A 125 -16.17 -3.30 5.54
N ILE A 126 -17.25 -2.71 5.96
CA ILE A 126 -18.28 -3.44 6.67
C ILE A 126 -18.76 -4.66 5.89
N GLU A 127 -19.10 -4.42 4.64
N GLU A 127 -19.17 -4.46 4.65
CA GLU A 127 -19.36 -5.50 3.69
CA GLU A 127 -19.99 -5.50 3.95
C GLU A 127 -18.41 -5.29 2.54
C GLU A 127 -19.07 -6.76 3.73
N PRO A 128 -17.61 -6.31 2.27
N PRO A 128 -17.87 -6.61 3.10
CA PRO A 128 -17.78 -7.65 2.86
CA PRO A 128 -17.27 -7.60 2.24
C PRO A 128 -16.89 -8.06 4.04
C PRO A 128 -16.35 -8.24 3.28
N LEU A 129 -15.84 -7.33 4.37
N LEU A 129 -15.91 -7.43 4.25
CA LEU A 129 -14.79 -7.89 5.22
CA LEU A 129 -14.87 -7.88 5.16
C LEU A 129 -15.23 -8.07 6.66
C LEU A 129 -15.41 -8.09 6.57
N LEU A 130 -15.83 -7.02 7.26
CA LEU A 130 -16.16 -7.14 8.71
C LEU A 130 -17.24 -8.10 8.95
N LYS A 131 -18.16 -8.20 8.02
CA LYS A 131 -19.28 -9.12 8.21
C LYS A 131 -18.95 -10.55 7.85
N GLU A 132 -17.91 -10.76 7.07
CA GLU A 132 -17.61 -12.07 6.58
C GLU A 132 -16.36 -12.74 7.19
N ALA A 133 -15.46 -11.99 7.77
CA ALA A 133 -14.30 -12.57 8.44
C ALA A 133 -14.66 -13.44 9.58
N LYS A 134 -13.98 -14.59 9.69
CA LYS A 134 -14.24 -15.45 10.82
C LYS A 134 -13.23 -15.24 11.88
N PHE A 135 -12.46 -14.17 11.81
CA PHE A 135 -11.46 -13.89 12.84
C PHE A 135 -11.67 -12.41 13.22
N PRO A 136 -11.18 -12.03 14.39
CA PRO A 136 -11.39 -10.62 14.84
C PRO A 136 -10.57 -9.64 14.01
N ILE A 137 -11.16 -8.47 13.77
CA ILE A 137 -10.51 -7.45 13.06
C ILE A 137 -10.40 -6.26 14.06
N LEU A 138 -9.20 -5.71 14.15
CA LEU A 138 -8.82 -4.88 15.29
C LEU A 138 -8.29 -3.48 14.90
N SER A 139 -8.74 -2.52 15.69
CA SER A 139 -8.09 -1.21 15.76
C SER A 139 -8.59 -0.45 16.96
N ALA A 140 -7.70 -0.05 17.83
CA ALA A 140 -8.02 0.63 19.08
C ALA A 140 -8.05 2.14 18.98
N ASN A 141 -7.70 2.69 17.81
CA ASN A 141 -7.61 4.16 17.68
C ASN A 141 -8.52 4.70 16.60
N ILE A 142 -9.54 3.93 16.27
CA ILE A 142 -10.61 4.44 15.41
C ILE A 142 -11.92 4.53 16.14
N SER A 143 -12.51 5.75 16.18
CA SER A 143 -13.82 5.92 16.80
C SER A 143 -14.83 6.48 15.83
N ALA A 144 -16.11 6.16 16.05
CA ALA A 144 -17.19 6.62 15.14
C ALA A 144 -18.16 7.40 15.92
N SER A 145 -18.96 8.18 15.21
CA SER A 145 -19.94 9.06 15.77
C SER A 145 -21.17 8.91 14.89
N GLY A 146 -22.24 9.43 15.41
CA GLY A 146 -23.51 9.49 14.72
C GLY A 146 -24.04 8.09 14.55
N PRO A 147 -25.00 7.93 13.63
CA PRO A 147 -25.59 6.65 13.29
C PRO A 147 -24.54 5.60 12.96
N LEU A 148 -23.38 5.98 12.37
CA LEU A 148 -22.39 4.97 12.08
C LEU A 148 -21.90 4.25 13.35
N ALA A 149 -21.79 4.96 14.45
CA ALA A 149 -21.26 4.30 15.68
C ALA A 149 -22.12 3.06 16.03
N SER A 150 -23.41 3.20 15.92
CA SER A 150 -24.31 2.09 16.23
CA SER A 150 -24.31 2.09 16.23
C SER A 150 -24.21 1.03 15.13
N GLN A 151 -24.05 1.48 13.88
CA GLN A 151 -23.96 0.53 12.79
C GLN A 151 -22.76 -0.36 12.88
N ILE A 152 -21.58 0.16 13.30
CA ILE A 152 -20.38 -0.54 13.24
C ILE A 152 -19.91 -1.15 14.57
N SER A 153 -20.67 -0.86 15.60
CA SER A 153 -20.23 -1.25 16.98
C SER A 153 -19.96 -2.77 17.02
N GLY A 154 -18.79 -3.10 17.48
CA GLY A 154 -18.39 -4.51 17.64
C GLY A 154 -18.01 -5.19 16.39
N LEU A 155 -18.09 -4.55 15.21
CA LEU A 155 -17.58 -5.20 14.01
C LEU A 155 -16.10 -5.16 13.80
N TYR A 156 -15.44 -4.22 14.44
CA TYR A 156 -14.02 -4.22 14.68
C TYR A 156 -13.94 -3.93 16.20
N LEU A 157 -12.80 -4.32 16.77
CA LEU A 157 -12.60 -4.29 18.20
C LEU A 157 -11.25 -3.66 18.52
N PRO A 158 -11.10 -3.09 19.71
CA PRO A 158 -9.80 -2.51 20.09
C PRO A 158 -8.76 -3.61 20.28
N TYR A 159 -9.20 -4.76 20.75
CA TYR A 159 -8.34 -5.87 21.04
C TYR A 159 -9.15 -7.11 21.05
N LYS A 160 -8.45 -8.23 21.07
CA LYS A 160 -9.11 -9.58 21.28
C LYS A 160 -8.09 -10.40 22.12
N VAL A 161 -8.60 -11.10 23.11
CA VAL A 161 -7.84 -12.04 23.92
C VAL A 161 -8.10 -13.42 23.36
N LEU A 162 -7.02 -14.10 22.91
CA LEU A 162 -7.15 -15.38 22.24
C LEU A 162 -6.53 -16.44 23.05
N PRO A 163 -7.20 -17.56 23.19
CA PRO A 163 -6.60 -18.73 23.74
C PRO A 163 -5.56 -19.37 22.84
N VAL A 164 -4.43 -19.68 23.43
CA VAL A 164 -3.29 -20.31 22.72
C VAL A 164 -2.76 -21.40 23.62
N GLY A 165 -2.94 -22.64 23.21
CA GLY A 165 -2.58 -23.75 24.12
C GLY A 165 -3.42 -23.58 25.38
N ASP A 166 -2.79 -23.66 26.54
CA ASP A 166 -3.43 -23.40 27.81
C ASP A 166 -3.26 -21.98 28.33
N GLU A 167 -2.80 -21.11 27.46
CA GLU A 167 -2.57 -19.74 27.85
C GLU A 167 -3.53 -18.79 27.08
N VAL A 168 -3.41 -17.50 27.32
CA VAL A 168 -4.11 -16.52 26.49
C VAL A 168 -3.09 -15.44 26.10
N VAL A 169 -3.33 -14.84 24.97
CA VAL A 169 -2.55 -13.75 24.42
C VAL A 169 -3.48 -12.63 24.03
N GLY A 170 -3.19 -11.43 24.47
CA GLY A 170 -3.98 -10.27 24.03
C GLY A 170 -3.37 -9.63 22.80
N ILE A 171 -4.20 -9.34 21.84
CA ILE A 171 -3.78 -8.64 20.61
CA ILE A 171 -3.82 -8.71 20.55
C ILE A 171 -4.51 -7.35 20.49
N VAL A 172 -3.73 -6.25 20.44
CA VAL A 172 -4.34 -4.90 20.43
CA VAL A 172 -4.36 -4.90 20.40
C VAL A 172 -3.99 -4.29 19.07
N GLY A 173 -5.00 -3.71 18.37
CA GLY A 173 -4.84 -3.22 17.07
C GLY A 173 -4.65 -1.70 17.00
N TYR A 174 -4.05 -1.28 15.89
CA TYR A 174 -3.96 0.21 15.63
C TYR A 174 -3.85 0.40 14.12
N THR A 175 -4.25 1.60 13.76
CA THR A 175 -4.28 2.01 12.34
C THR A 175 -3.73 3.40 12.16
N SER A 176 -3.01 3.62 11.03
CA SER A 176 -2.41 4.93 10.77
C SER A 176 -3.34 6.09 11.02
N LYS A 177 -2.90 7.05 11.83
CA LYS A 177 -3.72 8.22 12.04
CA LYS A 177 -3.59 8.30 12.07
C LYS A 177 -3.77 9.10 10.75
N GLU A 178 -2.92 8.80 9.76
CA GLU A 178 -2.91 9.52 8.48
C GLU A 178 -3.90 8.90 7.50
N THR A 179 -4.65 7.87 7.89
CA THR A 179 -5.61 7.24 7.00
C THR A 179 -6.53 8.23 6.22
N PRO A 180 -7.03 9.29 6.83
CA PRO A 180 -7.92 10.22 6.07
C PRO A 180 -7.23 10.81 4.84
N PHE A 181 -5.89 10.86 4.85
CA PHE A 181 -5.09 11.41 3.70
C PHE A 181 -4.71 10.32 2.73
N LEU A 182 -4.93 9.07 3.12
CA LEU A 182 -4.39 7.93 2.39
C LEU A 182 -5.42 6.94 1.94
N SER A 183 -6.69 7.27 2.09
CA SER A 183 -7.82 6.40 1.77
C SER A 183 -9.12 7.24 1.93
N ASN A 184 -10.27 6.55 2.00
CA ASN A 184 -11.57 7.22 1.92
C ASN A 184 -12.44 6.79 3.09
N PRO A 185 -11.94 7.01 4.32
CA PRO A 185 -12.75 6.60 5.46
C PRO A 185 -14.01 7.42 5.74
N GLY A 186 -14.18 8.61 5.16
CA GLY A 186 -15.43 9.39 5.34
C GLY A 186 -15.21 10.34 6.48
N THR A 187 -16.24 11.07 6.89
CA THR A 187 -16.09 12.07 7.92
C THR A 187 -16.65 11.72 9.29
N ASN A 188 -17.10 10.48 9.45
N ASN A 188 -17.20 10.54 9.50
CA ASN A 188 -17.72 10.00 10.68
CA ASN A 188 -17.63 10.21 10.85
C ASN A 188 -16.82 9.01 11.48
C ASN A 188 -16.36 9.82 11.64
N LEU A 189 -15.57 8.90 11.07
CA LEU A 189 -14.55 8.18 11.76
C LEU A 189 -13.40 9.08 12.15
N VAL A 190 -12.88 8.92 13.36
CA VAL A 190 -11.78 9.75 13.87
C VAL A 190 -10.64 8.80 14.14
N PHE A 191 -9.46 9.13 13.59
CA PHE A 191 -8.26 8.34 13.79
C PHE A 191 -7.37 8.98 14.86
N GLU A 192 -7.38 8.40 16.05
CA GLU A 192 -6.73 8.96 17.20
C GLU A 192 -5.25 8.66 17.16
N ASP A 193 -4.47 9.46 17.87
CA ASP A 193 -3.05 9.11 18.03
C ASP A 193 -2.91 7.69 18.60
N GLU A 194 -2.00 6.94 17.99
CA GLU A 194 -1.93 5.51 18.27
C GLU A 194 -1.59 5.29 19.74
N ILE A 195 -0.51 5.90 20.19
CA ILE A 195 0.00 5.67 21.55
C ILE A 195 -1.02 6.05 22.62
N THR A 196 -1.69 7.19 22.45
CA THR A 196 -2.72 7.63 23.35
C THR A 196 -3.82 6.61 23.46
N ALA A 197 -4.25 6.11 22.32
CA ALA A 197 -5.39 5.12 22.26
C ALA A 197 -4.95 3.77 22.81
N LEU A 198 -3.72 3.36 22.49
CA LEU A 198 -3.26 2.01 22.89
C LEU A 198 -3.03 1.88 24.37
N GLN A 199 -2.50 2.90 25.04
CA GLN A 199 -2.01 2.65 26.39
C GLN A 199 -3.13 2.18 27.32
N PRO A 200 -4.30 2.85 27.27
CA PRO A 200 -5.30 2.41 28.25
C PRO A 200 -5.86 1.00 27.95
N GLU A 201 -5.81 0.57 26.69
CA GLU A 201 -6.32 -0.77 26.32
C GLU A 201 -5.33 -1.80 26.87
N VAL A 202 -4.04 -1.48 26.77
CA VAL A 202 -3.01 -2.42 27.30
C VAL A 202 -3.04 -2.47 28.79
N ASP A 203 -3.18 -1.31 29.47
CA ASP A 203 -3.44 -1.25 30.92
C ASP A 203 -4.66 -2.05 31.35
N LYS A 204 -5.72 -1.98 30.56
CA LYS A 204 -6.95 -2.71 30.87
C LYS A 204 -6.69 -4.23 30.81
N LEU A 205 -6.01 -4.67 29.76
CA LEU A 205 -5.68 -6.07 29.64
C LEU A 205 -4.88 -6.58 30.85
N LYS A 206 -3.95 -5.77 31.34
CA LYS A 206 -3.19 -6.15 32.52
C LYS A 206 -4.12 -6.36 33.71
N THR A 207 -5.11 -5.49 33.88
CA THR A 207 -6.07 -5.67 35.01
C THR A 207 -6.96 -6.92 34.88
N LEU A 208 -7.04 -7.45 33.67
CA LEU A 208 -7.76 -8.67 33.35
C LEU A 208 -6.87 -9.89 33.31
N ASN A 209 -5.66 -9.77 33.83
CA ASN A 209 -4.79 -10.90 33.97
C ASN A 209 -4.26 -11.45 32.65
N VAL A 210 -4.12 -10.56 31.70
CA VAL A 210 -3.56 -10.95 30.44
C VAL A 210 -2.18 -10.27 30.41
N ASN A 211 -1.14 -11.08 30.52
CA ASN A 211 0.22 -10.60 30.68
C ASN A 211 1.11 -10.78 29.43
N LYS A 212 0.56 -11.35 28.35
CA LYS A 212 1.22 -11.49 27.06
C LYS A 212 0.43 -10.73 26.01
N ILE A 213 1.01 -9.65 25.47
CA ILE A 213 0.31 -8.65 24.70
C ILE A 213 1.10 -8.36 23.41
N ILE A 214 0.45 -8.57 22.29
CA ILE A 214 0.98 -8.21 20.99
C ILE A 214 0.30 -6.98 20.48
N ALA A 215 1.06 -5.99 20.03
CA ALA A 215 0.44 -4.85 19.34
C ALA A 215 0.55 -5.12 17.88
N LEU A 216 -0.57 -5.19 17.23
CA LEU A 216 -0.65 -5.53 15.81
C LEU A 216 -1.24 -4.36 15.08
N GLY A 217 -0.54 -3.74 14.14
CA GLY A 217 -1.17 -2.53 13.55
C GLY A 217 -0.45 -1.96 12.35
N HIS A 218 -1.00 -0.86 11.87
CA HIS A 218 -0.72 -0.44 10.52
C HIS A 218 -0.42 1.04 10.40
N SER A 219 0.75 1.42 10.91
CA SER A 219 1.18 2.81 10.94
C SER A 219 2.60 3.05 10.41
N GLY A 220 3.33 2.00 10.06
CA GLY A 220 4.65 2.18 9.58
C GLY A 220 5.70 1.88 10.63
N PHE A 221 6.86 1.43 10.16
CA PHE A 221 7.99 0.98 11.04
C PHE A 221 8.39 2.09 12.02
N GLU A 222 8.42 3.36 11.61
CA GLU A 222 8.84 4.36 12.54
C GLU A 222 7.87 4.49 13.74
N MET A 223 6.57 4.51 13.46
CA MET A 223 5.60 4.50 14.58
C MET A 223 5.64 3.21 15.36
N ASP A 224 5.84 2.10 14.68
CA ASP A 224 5.94 0.82 15.40
C ASP A 224 7.02 0.90 16.46
N LYS A 225 8.17 1.50 16.13
CA LYS A 225 9.25 1.56 17.08
C LYS A 225 8.85 2.47 18.29
N LEU A 226 8.12 3.57 18.01
CA LEU A 226 7.65 4.49 19.08
C LEU A 226 6.66 3.76 19.95
N ILE A 227 5.78 2.95 19.36
CA ILE A 227 4.84 2.14 20.15
C ILE A 227 5.57 1.18 21.11
N ALA A 228 6.54 0.49 20.52
CA ALA A 228 7.38 -0.42 21.33
C ALA A 228 8.09 0.28 22.49
N GLN A 229 8.54 1.52 22.21
CA GLN A 229 9.27 2.28 23.17
C GLN A 229 8.32 2.80 24.31
N LYS A 230 7.15 3.28 23.91
CA LYS A 230 6.34 4.10 24.78
C LYS A 230 5.10 3.42 25.36
N VAL A 231 4.56 2.37 24.75
CA VAL A 231 3.33 1.76 25.25
C VAL A 231 3.77 0.67 26.23
N ARG A 232 3.67 1.01 27.51
CA ARG A 232 4.04 0.14 28.59
C ARG A 232 3.19 -1.13 28.56
N GLY A 233 3.85 -2.26 28.62
CA GLY A 233 3.15 -3.54 28.59
C GLY A 233 3.05 -4.26 27.31
N VAL A 234 3.37 -3.60 26.19
CA VAL A 234 3.42 -4.29 24.87
C VAL A 234 4.69 -5.17 24.86
N ASP A 235 4.52 -6.44 24.58
CA ASP A 235 5.65 -7.39 24.49
C ASP A 235 6.30 -7.51 23.11
N VAL A 236 5.52 -7.31 22.08
CA VAL A 236 5.91 -7.51 20.68
CA VAL A 236 5.98 -7.43 20.71
C VAL A 236 5.07 -6.57 19.83
N VAL A 237 5.66 -5.96 18.79
CA VAL A 237 4.95 -5.11 17.85
C VAL A 237 5.08 -5.78 16.49
N VAL A 238 3.92 -6.05 15.87
CA VAL A 238 3.83 -6.62 14.51
C VAL A 238 3.21 -5.58 13.64
N GLY A 239 3.97 -5.05 12.68
CA GLY A 239 3.53 -3.86 11.93
C GLY A 239 3.52 -4.05 10.44
N GLY A 240 3.32 -2.91 9.78
CA GLY A 240 3.09 -2.87 8.38
C GLY A 240 3.10 -1.42 7.86
N HIS A 241 2.44 -1.25 6.72
CA HIS A 241 2.29 0.05 6.02
C HIS A 241 3.47 0.52 5.19
N SER A 242 4.65 0.50 5.80
CA SER A 242 5.88 0.93 5.20
C SER A 242 6.61 -0.13 4.36
N ASN A 243 6.05 -1.29 4.24
CA ASN A 243 6.58 -2.38 3.39
C ASN A 243 8.03 -2.68 3.82
N THR A 244 8.24 -2.69 5.11
CA THR A 244 9.57 -2.77 5.69
C THR A 244 10.05 -4.18 5.71
N PHE A 245 11.21 -4.38 5.06
CA PHE A 245 11.95 -5.67 5.12
C PHE A 245 13.02 -5.67 6.18
N LEU A 246 12.89 -6.59 7.12
CA LEU A 246 13.85 -6.81 8.15
C LEU A 246 14.38 -8.23 8.03
N TYR A 247 15.66 -8.35 8.26
CA TYR A 247 16.32 -9.68 8.14
C TYR A 247 17.49 -9.78 9.05
N THR A 248 17.75 -10.98 9.56
CA THR A 248 18.93 -11.28 10.28
C THR A 248 19.77 -12.28 9.52
N GLY A 249 20.88 -11.80 8.91
CA GLY A 249 21.75 -12.61 8.11
C GLY A 249 21.76 -12.17 6.66
N ASN A 250 22.14 -13.09 5.80
CA ASN A 250 22.13 -12.83 4.32
CA ASN A 250 22.23 -12.83 4.41
C ASN A 250 20.82 -12.88 3.77
N PRO A 251 20.38 -11.77 3.13
CA PRO A 251 19.03 -11.85 2.59
C PRO A 251 18.82 -12.89 1.48
N PRO A 252 17.63 -13.46 1.37
CA PRO A 252 17.35 -14.57 0.53
C PRO A 252 16.99 -14.16 -0.92
N SER A 253 16.66 -12.88 -1.16
CA SER A 253 16.18 -12.42 -2.45
C SER A 253 16.74 -10.98 -2.69
N LYS A 254 16.02 -10.13 -3.42
CA LYS A 254 16.54 -8.83 -3.83
C LYS A 254 16.25 -7.70 -2.85
N GLU A 255 15.36 -7.94 -1.88
CA GLU A 255 14.97 -6.89 -0.93
C GLU A 255 16.16 -6.69 0.01
N VAL A 256 16.50 -5.42 0.27
CA VAL A 256 17.60 -5.06 1.12
C VAL A 256 17.04 -4.68 2.50
N PRO A 257 17.53 -5.34 3.58
CA PRO A 257 16.95 -5.05 4.89
C PRO A 257 17.17 -3.68 5.45
N ALA A 258 16.16 -3.17 6.13
CA ALA A 258 16.22 -1.88 6.80
C ALA A 258 16.89 -2.07 8.17
N GLY A 259 16.94 -3.31 8.67
CA GLY A 259 17.49 -3.63 9.96
C GLY A 259 17.33 -5.14 10.24
N LYS A 260 17.80 -5.57 11.39
CA LYS A 260 17.67 -6.96 11.84
C LYS A 260 16.20 -7.35 12.07
N TYR A 261 15.95 -8.67 11.99
CA TYR A 261 14.69 -9.25 12.39
C TYR A 261 14.84 -10.17 13.61
N PRO A 262 14.12 -9.89 14.72
CA PRO A 262 13.33 -8.70 14.97
C PRO A 262 14.22 -7.48 15.17
N PHE A 263 13.62 -6.29 15.06
CA PHE A 263 14.28 -5.05 15.44
C PHE A 263 14.00 -4.77 16.92
N ILE A 264 15.04 -4.74 17.73
CA ILE A 264 14.89 -4.57 19.19
C ILE A 264 14.86 -3.13 19.58
N VAL A 265 13.76 -2.79 20.23
CA VAL A 265 13.60 -1.49 20.84
C VAL A 265 13.75 -1.63 22.34
N THR A 266 14.44 -0.67 22.98
CA THR A 266 14.55 -0.68 24.46
C THR A 266 13.42 0.24 24.97
N SER A 267 12.45 -0.37 25.64
CA SER A 267 11.27 0.38 26.09
C SER A 267 11.65 1.35 27.23
N ASP A 268 10.81 2.36 27.42
CA ASP A 268 10.89 3.28 28.51
C ASP A 268 10.88 2.54 29.83
N ASP A 269 10.14 1.43 29.94
CA ASP A 269 10.18 0.64 31.20
C ASP A 269 11.40 -0.26 31.31
N GLY A 270 12.31 -0.22 30.35
CA GLY A 270 13.58 -0.94 30.43
C GLY A 270 13.62 -2.30 29.77
N ARG A 271 12.58 -2.75 29.11
CA ARG A 271 12.51 -4.10 28.55
C ARG A 271 12.98 -4.03 27.08
N LYS A 272 13.25 -5.19 26.51
CA LYS A 272 13.57 -5.27 25.10
C LYS A 272 12.34 -5.75 24.40
N VAL A 273 11.90 -5.00 23.40
CA VAL A 273 10.67 -5.26 22.74
C VAL A 273 10.92 -5.49 21.25
N PRO A 274 10.68 -6.71 20.76
CA PRO A 274 10.88 -6.93 19.33
C PRO A 274 9.84 -6.28 18.50
N VAL A 275 10.29 -5.73 17.37
CA VAL A 275 9.47 -5.13 16.36
C VAL A 275 9.70 -5.88 15.03
N VAL A 276 8.62 -6.29 14.40
CA VAL A 276 8.67 -7.05 13.16
C VAL A 276 7.72 -6.47 12.12
N GLN A 277 8.11 -6.71 10.88
CA GLN A 277 7.36 -6.51 9.67
C GLN A 277 7.88 -7.51 8.63
N ALA A 278 7.13 -7.70 7.53
CA ALA A 278 7.48 -8.74 6.57
C ALA A 278 7.24 -8.24 5.12
N TYR A 279 7.85 -7.07 4.81
CA TYR A 279 7.88 -6.53 3.41
C TYR A 279 6.44 -6.30 2.96
N ALA A 280 6.02 -6.90 1.85
CA ALA A 280 4.71 -6.68 1.31
C ALA A 280 4.42 -7.75 0.26
N PHE A 281 3.19 -7.69 -0.26
CA PHE A 281 2.81 -8.44 -1.47
C PHE A 281 2.77 -9.95 -1.34
N GLY A 282 2.81 -10.44 -0.11
CA GLY A 282 2.79 -11.86 0.15
C GLY A 282 4.00 -12.63 -0.28
N LYS A 283 5.11 -11.95 -0.48
CA LYS A 283 6.34 -12.59 -0.90
C LYS A 283 7.01 -13.39 0.25
N TYR A 284 6.86 -12.92 1.45
CA TYR A 284 7.44 -13.55 2.63
C TYR A 284 6.36 -13.83 3.67
N LEU A 285 6.59 -14.84 4.47
CA LEU A 285 5.80 -15.07 5.71
C LEU A 285 6.70 -14.74 6.90
N GLY A 286 6.35 -13.73 7.64
CA GLY A 286 7.06 -13.36 8.89
C GLY A 286 6.90 -14.52 9.88
N TYR A 287 7.98 -14.82 10.56
CA TYR A 287 8.09 -15.95 11.50
C TYR A 287 8.92 -15.51 12.69
N LEU A 288 8.30 -15.34 13.86
CA LEU A 288 8.98 -14.90 15.06
C LEU A 288 8.65 -15.90 16.19
N LYS A 289 9.69 -16.40 16.83
CA LYS A 289 9.53 -17.29 18.02
C LYS A 289 9.85 -16.48 19.27
N ILE A 290 8.88 -16.43 20.19
CA ILE A 290 9.05 -15.64 21.44
C ILE A 290 8.99 -16.61 22.61
N GLU A 291 9.96 -16.52 23.51
CA GLU A 291 9.86 -17.29 24.77
C GLU A 291 9.42 -16.34 25.86
N PHE A 292 8.40 -16.77 26.60
CA PHE A 292 7.86 -16.02 27.71
C PHE A 292 8.07 -16.75 29.01
N ASP A 293 8.32 -16.00 30.07
CA ASP A 293 8.29 -16.57 31.41
C ASP A 293 6.85 -16.58 31.91
N GLU A 294 6.65 -17.15 33.12
CA GLU A 294 5.29 -17.33 33.67
C GLU A 294 4.60 -15.99 33.96
N ARG A 295 5.36 -14.91 34.13
CA ARG A 295 4.78 -13.58 34.31
C ARG A 295 4.57 -12.80 33.00
N GLY A 296 4.73 -13.47 31.86
CA GLY A 296 4.51 -12.83 30.62
C GLY A 296 5.64 -11.96 30.14
N ASN A 297 6.82 -12.11 30.68
CA ASN A 297 7.96 -11.36 30.16
C ASN A 297 8.68 -12.09 29.08
N VAL A 298 9.06 -11.34 28.07
CA VAL A 298 9.81 -11.92 26.92
C VAL A 298 11.24 -12.20 27.36
N ILE A 299 11.62 -13.48 27.40
CA ILE A 299 12.91 -13.99 27.65
C ILE A 299 13.82 -13.96 26.42
N SER A 300 13.27 -14.25 25.27
CA SER A 300 14.06 -14.33 24.05
C SER A 300 13.12 -14.20 22.87
N SER A 301 13.65 -13.74 21.76
CA SER A 301 12.83 -13.60 20.52
C SER A 301 13.79 -13.78 19.37
N HIS A 302 13.45 -14.63 18.38
CA HIS A 302 14.35 -14.82 17.24
C HIS A 302 13.51 -15.26 16.05
N GLY A 303 13.97 -15.02 14.84
CA GLY A 303 13.21 -15.47 13.72
C GLY A 303 13.72 -14.89 12.44
N ASN A 304 12.92 -14.98 11.41
CA ASN A 304 13.20 -14.34 10.11
C ASN A 304 12.01 -14.52 9.23
N PRO A 305 11.74 -13.57 8.34
CA PRO A 305 10.75 -13.85 7.32
C PRO A 305 11.22 -15.00 6.40
N ILE A 306 10.25 -15.75 5.93
CA ILE A 306 10.48 -16.87 5.09
C ILE A 306 10.07 -16.56 3.65
N LEU A 307 11.05 -16.64 2.74
CA LEU A 307 10.76 -16.33 1.35
C LEU A 307 9.84 -17.45 0.79
N LEU A 308 8.70 -17.03 0.24
CA LEU A 308 7.69 -17.98 -0.28
C LEU A 308 8.04 -18.25 -1.77
N ASP A 309 9.15 -18.92 -2.01
CA ASP A 309 9.59 -19.19 -3.37
C ASP A 309 9.09 -20.49 -3.90
N SER A 310 9.52 -20.87 -5.12
CA SER A 310 8.88 -22.00 -5.78
CA SER A 310 8.92 -22.01 -5.82
C SER A 310 9.28 -23.33 -5.19
N SER A 311 10.27 -23.38 -4.28
CA SER A 311 10.58 -24.62 -3.57
C SER A 311 9.44 -25.06 -2.66
N ILE A 312 8.50 -24.16 -2.39
CA ILE A 312 7.31 -24.46 -1.55
C ILE A 312 6.14 -24.67 -2.53
N PRO A 313 5.51 -25.87 -2.55
CA PRO A 313 4.48 -26.09 -3.53
C PRO A 313 3.24 -25.30 -3.18
N GLU A 314 2.51 -24.86 -4.22
CA GLU A 314 1.18 -24.30 -3.98
C GLU A 314 0.22 -25.44 -3.54
N ASP A 315 -0.58 -25.15 -2.52
CA ASP A 315 -1.57 -26.10 -2.09
C ASP A 315 -2.54 -26.34 -3.26
N PRO A 316 -2.81 -27.63 -3.60
CA PRO A 316 -3.63 -27.88 -4.71
C PRO A 316 -5.06 -27.41 -4.54
N SER A 317 -5.62 -27.51 -3.35
CA SER A 317 -7.02 -27.11 -3.18
CA SER A 317 -7.02 -27.13 -3.17
C SER A 317 -7.21 -25.62 -3.22
N ILE A 318 -6.34 -24.94 -2.53
CA ILE A 318 -6.36 -23.48 -2.60
C ILE A 318 -6.16 -23.03 -4.07
N LYS A 319 -5.21 -23.64 -4.77
CA LYS A 319 -4.91 -23.24 -6.12
C LYS A 319 -6.12 -23.39 -7.01
N ALA A 320 -6.79 -24.55 -6.87
CA ALA A 320 -7.96 -24.81 -7.61
C ALA A 320 -9.09 -23.80 -7.36
N ASP A 321 -9.28 -23.39 -6.13
CA ASP A 321 -10.23 -22.38 -5.79
C ASP A 321 -9.87 -21.03 -6.42
N ILE A 322 -8.60 -20.67 -6.34
CA ILE A 322 -8.05 -19.43 -6.97
C ILE A 322 -8.35 -19.53 -8.44
N ASN A 323 -8.12 -20.67 -9.10
CA ASN A 323 -8.41 -20.78 -10.54
C ASN A 323 -9.85 -20.60 -10.88
N LYS A 324 -10.73 -21.11 -10.01
CA LYS A 324 -12.16 -20.89 -10.16
C LYS A 324 -12.50 -19.41 -10.05
N TRP A 325 -11.99 -18.78 -9.00
CA TRP A 325 -12.31 -17.35 -8.78
C TRP A 325 -11.80 -16.49 -9.95
N ARG A 326 -10.73 -16.93 -10.59
CA ARG A 326 -10.12 -16.20 -11.71
C ARG A 326 -11.05 -16.01 -12.89
N ILE A 327 -12.00 -16.93 -13.10
CA ILE A 327 -12.80 -16.87 -14.26
C ILE A 327 -13.48 -15.47 -14.44
N LYS A 328 -14.03 -14.95 -13.35
CA LYS A 328 -14.74 -13.67 -13.39
C LYS A 328 -13.78 -12.52 -13.69
N LEU A 329 -12.55 -12.72 -13.28
CA LEU A 329 -11.49 -11.71 -13.52
C LEU A 329 -11.20 -11.64 -14.99
N ASP A 330 -11.06 -12.83 -15.60
CA ASP A 330 -10.81 -12.89 -17.02
C ASP A 330 -11.95 -12.26 -17.80
N ASP A 331 -13.19 -12.57 -17.39
CA ASP A 331 -14.35 -12.02 -18.06
C ASP A 331 -14.35 -10.48 -17.90
N TYR A 332 -14.10 -10.01 -16.70
CA TYR A 332 -14.11 -8.54 -16.38
C TYR A 332 -13.12 -7.77 -17.27
N SER A 333 -12.00 -8.40 -17.54
CA SER A 333 -10.85 -7.72 -18.21
C SER A 333 -11.10 -7.30 -19.58
N THR A 334 -12.12 -7.88 -20.22
CA THR A 334 -12.47 -7.50 -21.60
C THR A 334 -13.77 -6.71 -21.69
N GLN A 335 -14.35 -6.33 -20.57
CA GLN A 335 -15.57 -5.55 -20.58
C GLN A 335 -15.21 -4.07 -20.80
N GLU A 336 -16.19 -3.38 -21.38
CA GLU A 336 -16.02 -1.97 -21.60
C GLU A 336 -16.06 -1.21 -20.26
N LEU A 337 -15.05 -0.42 -19.98
CA LEU A 337 -14.97 0.40 -18.78
C LEU A 337 -15.55 1.76 -19.06
N GLY A 338 -15.38 2.21 -20.28
CA GLY A 338 -15.76 3.58 -20.69
C GLY A 338 -15.29 3.75 -22.14
N LYS A 339 -15.45 4.96 -22.67
CA LYS A 339 -15.10 5.31 -24.02
C LYS A 339 -14.13 6.46 -24.10
N THR A 340 -13.28 6.41 -25.11
CA THR A 340 -12.51 7.58 -25.53
C THR A 340 -12.92 7.95 -26.98
N ILE A 341 -13.06 9.26 -27.19
CA ILE A 341 -13.29 9.82 -28.49
C ILE A 341 -12.01 10.37 -29.15
N VAL A 342 -10.88 10.25 -28.44
CA VAL A 342 -9.63 10.71 -28.95
C VAL A 342 -8.72 9.47 -28.96
N TYR A 343 -7.74 9.53 -29.86
CA TYR A 343 -6.65 8.56 -29.76
C TYR A 343 -5.91 8.84 -28.45
N LEU A 344 -5.56 7.80 -27.72
CA LEU A 344 -4.81 7.93 -26.48
C LEU A 344 -3.33 7.65 -26.77
N ASP A 345 -2.58 8.70 -26.98
CA ASP A 345 -1.23 8.61 -27.48
C ASP A 345 -0.28 8.32 -26.35
N GLY A 346 -0.03 7.03 -26.16
CA GLY A 346 0.95 6.52 -25.20
C GLY A 346 2.18 6.00 -25.93
N SER A 347 2.40 6.43 -27.16
CA SER A 347 3.61 6.09 -27.94
C SER A 347 4.87 6.64 -27.25
N SER A 348 6.00 5.95 -27.36
CA SER A 348 7.25 6.48 -26.80
C SER A 348 7.73 7.68 -27.56
N GLN A 349 7.48 7.72 -28.89
CA GLN A 349 7.86 8.85 -29.72
C GLN A 349 7.22 10.17 -29.25
N SER A 350 6.03 10.07 -28.66
CA SER A 350 5.41 11.20 -27.99
C SER A 350 5.86 11.34 -26.52
N CYS A 351 5.51 10.36 -25.71
CA CYS A 351 5.59 10.48 -24.25
C CYS A 351 7.02 10.58 -23.68
N ARG A 352 8.01 10.20 -24.48
CA ARG A 352 9.42 10.40 -24.05
C ARG A 352 10.06 11.68 -24.57
N PHE A 353 9.29 12.46 -25.34
CA PHE A 353 9.80 13.66 -26.07
C PHE A 353 8.99 14.94 -25.76
N ARG A 354 7.73 14.83 -25.39
CA ARG A 354 6.87 15.99 -25.26
C ARG A 354 5.61 15.58 -24.49
N GLU A 355 4.81 16.57 -24.15
CA GLU A 355 3.53 16.34 -23.52
C GLU A 355 2.73 15.41 -24.41
N CYS A 356 2.23 14.34 -23.82
CA CYS A 356 1.38 13.40 -24.52
C CYS A 356 0.06 13.26 -23.82
N ASN A 357 -1.00 13.09 -24.60
CA ASN A 357 -2.31 13.05 -23.94
C ASN A 357 -2.60 11.82 -23.06
N MET A 358 -1.92 10.70 -23.30
CA MET A 358 -2.04 9.58 -22.38
C MET A 358 -1.46 9.94 -21.02
N GLY A 359 -0.35 10.68 -21.04
CA GLY A 359 0.30 11.19 -19.83
C GLY A 359 -0.64 12.10 -19.01
N ASN A 360 -1.26 13.00 -19.73
CA ASN A 360 -2.23 13.88 -19.12
C ASN A 360 -3.37 13.12 -18.49
N LEU A 361 -3.90 12.18 -19.19
CA LEU A 361 -4.99 11.37 -18.70
C LEU A 361 -4.64 10.64 -17.39
N ILE A 362 -3.45 9.98 -17.42
CA ILE A 362 -3.03 9.23 -16.27
C ILE A 362 -2.78 10.13 -15.08
N CYS A 363 -2.14 11.28 -15.28
CA CYS A 363 -1.91 12.18 -14.15
C CYS A 363 -3.23 12.81 -13.67
N ASP A 364 -4.19 13.08 -14.57
CA ASP A 364 -5.47 13.54 -14.11
C ASP A 364 -6.23 12.50 -13.30
N ALA A 365 -6.08 11.22 -13.70
CA ALA A 365 -6.67 10.15 -12.92
C ALA A 365 -5.98 10.03 -11.55
N MET A 366 -4.69 10.24 -11.51
CA MET A 366 -3.93 10.20 -10.24
C MET A 366 -4.42 11.26 -9.28
N ILE A 367 -4.61 12.48 -9.74
N ILE A 367 -4.57 12.46 -9.81
CA ILE A 367 -5.16 13.50 -8.83
CA ILE A 367 -5.09 13.56 -9.02
C ILE A 367 -6.58 13.22 -8.43
C ILE A 367 -6.48 13.22 -8.52
N ASN A 368 -7.42 12.79 -9.38
CA ASN A 368 -8.75 12.47 -8.99
C ASN A 368 -8.85 11.39 -7.92
N ASN A 369 -7.95 10.41 -7.98
CA ASN A 369 -7.87 9.28 -7.04
C ASN A 369 -7.51 9.77 -5.60
N ASN A 370 -6.79 10.91 -5.54
CA ASN A 370 -6.31 11.48 -4.34
C ASN A 370 -7.05 12.70 -3.82
N LEU A 371 -8.31 12.87 -4.25
CA LEU A 371 -9.22 13.76 -3.61
C LEU A 371 -9.65 13.15 -2.31
N ARG A 372 -9.36 13.81 -1.21
CA ARG A 372 -9.72 13.33 0.11
C ARG A 372 -10.46 14.45 0.81
N HIS A 373 -11.10 14.18 1.91
CA HIS A 373 -11.85 15.22 2.55
CA HIS A 373 -11.82 15.20 2.66
C HIS A 373 -10.88 16.31 3.06
N ALA A 374 -11.32 17.54 2.92
CA ALA A 374 -10.48 18.67 3.23
C ALA A 374 -11.35 19.52 4.15
N ASP A 375 -10.64 20.26 4.97
CA ASP A 375 -11.16 21.24 5.87
C ASP A 375 -11.03 22.56 5.07
N GLU A 376 -11.03 23.68 5.78
CA GLU A 376 -11.12 24.94 5.09
C GLU A 376 -9.73 25.46 4.69
N MET A 377 -8.69 24.70 4.99
CA MET A 377 -7.30 25.07 4.72
C MET A 377 -6.92 24.80 3.26
N PHE A 378 -7.48 23.82 2.60
CA PHE A 378 -7.07 23.55 1.26
C PHE A 378 -8.27 23.01 0.47
N TRP A 379 -8.29 23.23 -0.83
CA TRP A 379 -9.36 22.62 -1.66
C TRP A 379 -9.15 21.13 -1.72
N ASN A 380 -7.91 20.71 -1.80
CA ASN A 380 -7.52 19.25 -1.70
C ASN A 380 -6.09 19.27 -1.21
N HIS A 381 -5.69 18.21 -0.51
CA HIS A 381 -4.36 18.18 0.06
C HIS A 381 -3.24 18.04 -0.93
N VAL A 382 -3.54 17.48 -2.09
CA VAL A 382 -2.60 17.33 -3.18
C VAL A 382 -3.14 17.77 -4.50
N SER A 383 -2.30 18.39 -5.29
CA SER A 383 -2.65 18.95 -6.60
C SER A 383 -1.73 18.57 -7.70
N MET A 384 -0.64 17.84 -7.47
CA MET A 384 0.44 17.70 -8.41
C MET A 384 0.77 16.21 -8.65
N CYS A 385 1.21 15.96 -9.88
CA CYS A 385 1.51 14.64 -10.39
C CYS A 385 2.68 14.70 -11.34
N ILE A 386 3.54 13.69 -11.24
CA ILE A 386 4.57 13.36 -12.22
C ILE A 386 4.51 11.88 -12.55
N LEU A 387 4.87 11.61 -13.80
CA LEU A 387 4.74 10.26 -14.35
C LEU A 387 5.84 10.14 -15.41
N ASN A 388 6.82 9.24 -15.28
CA ASN A 388 7.87 9.11 -16.28
C ASN A 388 7.31 8.49 -17.56
N GLY A 389 7.70 9.03 -18.70
CA GLY A 389 7.24 8.52 -19.98
C GLY A 389 7.57 7.08 -20.19
N GLY A 390 8.67 6.64 -19.59
CA GLY A 390 9.06 5.26 -19.60
C GLY A 390 8.07 4.32 -18.92
N GLY A 391 7.16 4.88 -18.13
CA GLY A 391 6.11 4.13 -17.47
C GLY A 391 4.88 3.89 -18.33
N ILE A 392 4.84 4.52 -19.49
CA ILE A 392 3.69 4.46 -20.39
C ILE A 392 4.08 3.59 -21.57
N ARG A 393 3.47 2.41 -21.68
CA ARG A 393 3.98 1.37 -22.56
C ARG A 393 3.14 1.01 -23.78
N SER A 394 2.02 1.73 -24.00
CA SER A 394 1.21 1.53 -25.17
C SER A 394 0.26 2.70 -25.36
N PRO A 395 -0.10 2.96 -26.61
CA PRO A 395 -1.25 3.80 -26.84
C PRO A 395 -2.52 2.96 -26.74
N ILE A 396 -3.67 3.64 -26.81
CA ILE A 396 -4.99 3.00 -27.00
C ILE A 396 -5.70 3.70 -28.16
N ASP A 397 -6.01 2.92 -29.19
CA ASP A 397 -6.71 3.35 -30.33
C ASP A 397 -8.22 3.50 -30.04
N GLU A 398 -8.79 4.62 -30.51
CA GLU A 398 -10.20 4.97 -30.21
C GLU A 398 -11.15 4.35 -31.24
N ARG A 399 -10.59 3.74 -32.27
CA ARG A 399 -11.43 3.23 -33.39
C ARG A 399 -12.15 1.86 -33.14
N ASN A 400 -12.12 1.31 -31.92
CA ASN A 400 -12.89 0.09 -31.56
CA ASN A 400 -12.90 0.11 -31.62
C ASN A 400 -14.16 0.56 -30.86
N ASP A 401 -14.93 1.41 -31.58
CA ASP A 401 -16.14 2.01 -31.06
C ASP A 401 -15.86 2.83 -29.78
N GLY A 402 -14.61 3.27 -29.67
CA GLY A 402 -14.13 3.99 -28.53
C GLY A 402 -13.94 3.24 -27.24
N THR A 403 -14.20 1.93 -27.26
CA THR A 403 -14.09 1.14 -26.06
C THR A 403 -12.69 1.14 -25.47
N ILE A 404 -12.66 1.19 -24.14
CA ILE A 404 -11.45 0.93 -23.36
C ILE A 404 -11.78 -0.18 -22.36
N THR A 405 -10.91 -1.20 -22.32
CA THR A 405 -11.04 -2.31 -21.41
C THR A 405 -9.87 -2.34 -20.46
N TRP A 406 -10.01 -3.16 -19.40
CA TRP A 406 -8.90 -3.29 -18.44
C TRP A 406 -7.66 -3.84 -19.21
N GLU A 407 -7.90 -4.81 -20.10
CA GLU A 407 -6.83 -5.40 -20.89
C GLU A 407 -6.08 -4.34 -21.66
N ASN A 408 -6.79 -3.36 -22.25
CA ASN A 408 -6.09 -2.25 -22.86
C ASN A 408 -5.22 -1.47 -21.90
N LEU A 409 -5.77 -1.14 -20.73
CA LEU A 409 -5.03 -0.40 -19.74
C LEU A 409 -3.78 -1.13 -19.25
N ALA A 410 -3.92 -2.48 -19.14
CA ALA A 410 -2.78 -3.37 -18.68
C ALA A 410 -1.63 -3.29 -19.68
N ALA A 411 -1.94 -3.00 -20.94
CA ALA A 411 -0.86 -2.79 -21.96
C ALA A 411 -0.15 -1.47 -21.74
N VAL A 412 -0.92 -0.44 -21.33
CA VAL A 412 -0.31 0.88 -21.02
C VAL A 412 0.55 0.81 -19.78
N LEU A 413 0.04 0.07 -18.77
CA LEU A 413 0.64 0.05 -17.44
C LEU A 413 0.79 -1.36 -17.05
N PRO A 414 1.91 -1.97 -17.48
CA PRO A 414 2.02 -3.43 -17.42
C PRO A 414 2.81 -3.96 -16.20
N PHE A 415 3.27 -3.08 -15.29
CA PHE A 415 4.28 -3.42 -14.27
C PHE A 415 3.71 -3.70 -12.88
N GLY A 416 2.40 -3.45 -12.69
CA GLY A 416 1.72 -3.78 -11.41
C GLY A 416 2.06 -2.85 -10.26
N GLY A 417 2.45 -1.66 -10.62
CA GLY A 417 2.91 -0.58 -9.70
C GLY A 417 1.72 0.14 -9.07
N THR A 418 2.08 1.07 -8.24
CA THR A 418 1.15 1.89 -7.55
C THR A 418 1.48 3.36 -7.81
N PHE A 419 0.47 4.24 -7.58
CA PHE A 419 0.62 5.69 -7.67
C PHE A 419 0.62 6.24 -6.31
N ASP A 420 1.81 6.57 -5.84
CA ASP A 420 2.07 6.87 -4.43
C ASP A 420 2.07 8.35 -4.10
N LEU A 421 1.90 8.67 -2.86
CA LEU A 421 1.97 10.05 -2.40
C LEU A 421 3.29 10.33 -1.68
N VAL A 422 4.04 11.35 -2.15
CA VAL A 422 5.27 11.74 -1.46
C VAL A 422 5.27 13.19 -1.11
N GLN A 423 6.14 13.59 -0.20
CA GLN A 423 6.39 15.01 0.02
C GLN A 423 7.81 15.32 -0.41
N LEU A 424 7.98 16.33 -1.27
CA LEU A 424 9.30 16.69 -1.80
C LEU A 424 9.44 18.22 -1.66
N LYS A 425 10.62 18.67 -1.30
CA LYS A 425 10.94 20.07 -1.35
C LYS A 425 10.94 20.52 -2.83
N GLY A 426 10.63 21.79 -3.05
CA GLY A 426 10.62 22.32 -4.44
C GLY A 426 12.02 22.08 -5.06
N SER A 427 13.09 22.25 -4.29
CA SER A 427 14.47 22.02 -4.79
C SER A 427 14.58 20.64 -5.41
N THR A 428 14.10 19.63 -4.70
CA THR A 428 14.09 18.27 -5.19
C THR A 428 13.32 18.13 -6.47
N LEU A 429 12.15 18.72 -6.53
CA LEU A 429 11.30 18.62 -7.68
CA LEU A 429 11.31 18.65 -7.73
C LEU A 429 11.99 19.33 -8.89
N LYS A 430 12.63 20.48 -8.68
CA LYS A 430 13.39 21.13 -9.71
C LYS A 430 14.51 20.21 -10.20
N LYS A 431 15.22 19.55 -9.29
CA LYS A 431 16.24 18.58 -9.71
C LYS A 431 15.63 17.47 -10.60
N ALA A 432 14.45 17.02 -10.23
CA ALA A 432 13.73 15.97 -10.97
C ALA A 432 13.43 16.45 -12.38
N PHE A 433 12.95 17.69 -12.53
CA PHE A 433 12.70 18.15 -13.87
C PHE A 433 13.94 18.41 -14.69
N GLU A 434 15.07 18.77 -14.06
CA GLU A 434 16.34 18.90 -14.77
C GLU A 434 16.77 17.49 -15.20
N HIS A 435 16.58 16.53 -14.33
CA HIS A 435 16.91 15.10 -14.74
C HIS A 435 16.08 14.64 -15.93
N SER A 436 14.77 15.02 -15.95
CA SER A 436 13.78 14.68 -17.00
C SER A 436 14.30 14.99 -18.40
N VAL A 437 15.16 16.00 -18.53
CA VAL A 437 15.69 16.42 -19.83
C VAL A 437 17.21 16.52 -19.92
N HIS A 438 17.91 15.91 -18.97
CA HIS A 438 19.37 16.04 -18.91
C HIS A 438 20.09 15.48 -20.12
N ARG A 439 19.49 14.44 -20.69
CA ARG A 439 20.06 13.85 -21.89
C ARG A 439 19.00 13.72 -22.95
N TYR A 440 18.19 14.77 -23.10
CA TYR A 440 17.08 14.79 -24.01
C TYR A 440 17.50 14.47 -25.43
N GLY A 441 16.61 13.71 -26.06
CA GLY A 441 16.77 13.38 -27.48
C GLY A 441 17.05 11.91 -27.74
N GLN A 442 17.19 11.12 -26.69
CA GLN A 442 17.60 9.72 -26.85
C GLN A 442 16.47 8.74 -26.62
N SER A 443 15.26 9.23 -26.48
CA SER A 443 14.10 8.38 -26.18
C SER A 443 14.26 7.60 -24.88
N THR A 444 14.80 8.26 -23.85
CA THR A 444 14.94 7.62 -22.54
C THR A 444 13.69 7.81 -21.68
N GLY A 445 13.58 6.98 -20.64
CA GLY A 445 12.30 6.88 -19.94
C GLY A 445 12.03 8.00 -18.95
N GLU A 446 13.04 8.78 -18.61
CA GLU A 446 12.90 9.71 -17.52
C GLU A 446 12.08 10.98 -17.82
N PHE A 447 11.79 11.25 -19.08
CA PHE A 447 11.00 12.47 -19.45
C PHE A 447 9.67 12.43 -18.70
N LEU A 448 9.29 13.52 -18.06
CA LEU A 448 8.11 13.52 -17.18
C LEU A 448 6.86 14.10 -17.78
N GLN A 449 5.80 13.31 -17.75
CA GLN A 449 4.46 13.78 -17.88
C GLN A 449 3.95 14.35 -16.55
N VAL A 450 3.01 15.27 -16.60
CA VAL A 450 2.66 16.07 -15.43
C VAL A 450 1.17 16.29 -15.28
N GLY A 451 0.74 16.59 -14.06
CA GLY A 451 -0.57 17.19 -13.76
C GLY A 451 -0.38 18.19 -12.63
N GLY A 452 -1.03 19.35 -12.74
CA GLY A 452 -0.90 20.34 -11.71
C GLY A 452 0.46 21.08 -11.66
N ILE A 453 1.17 20.94 -12.78
CA ILE A 453 2.49 21.55 -12.97
C ILE A 453 2.59 21.99 -14.38
N HIS A 454 3.11 23.21 -14.59
CA HIS A 454 3.44 23.70 -15.93
C HIS A 454 4.92 23.97 -15.96
N VAL A 455 5.59 23.31 -16.91
CA VAL A 455 7.07 23.46 -16.99
C VAL A 455 7.45 23.98 -18.37
N VAL A 456 8.51 24.79 -18.43
CA VAL A 456 9.07 25.23 -19.69
C VAL A 456 10.53 24.88 -19.61
N TYR A 457 10.99 24.20 -20.68
CA TYR A 457 12.39 23.92 -20.84
C TYR A 457 13.07 24.75 -21.92
N ASP A 458 14.37 25.01 -21.76
CA ASP A 458 15.18 25.58 -22.80
C ASP A 458 16.35 24.59 -23.01
N LEU A 459 16.21 23.77 -24.08
CA LEU A 459 17.16 22.69 -24.33
C LEU A 459 18.50 23.18 -24.80
N SER A 460 18.62 24.47 -25.13
CA SER A 460 19.91 25.03 -25.54
C SER A 460 20.78 25.37 -24.31
N ARG A 461 20.20 25.31 -23.12
CA ARG A 461 20.97 25.58 -21.91
C ARG A 461 21.74 24.31 -21.51
N LYS A 462 22.66 24.41 -20.57
CA LYS A 462 23.44 23.26 -20.18
C LYS A 462 22.57 22.29 -19.43
N PRO A 463 22.82 20.98 -19.60
CA PRO A 463 22.15 20.04 -18.66
C PRO A 463 22.25 20.48 -17.21
N GLY A 464 21.16 20.32 -16.47
CA GLY A 464 20.96 20.79 -15.11
C GLY A 464 20.53 22.21 -14.99
N ASP A 465 20.48 22.93 -16.10
CA ASP A 465 20.01 24.32 -16.05
C ASP A 465 19.01 24.61 -17.18
N ARG A 466 18.23 23.59 -17.55
CA ARG A 466 17.31 23.68 -18.66
C ARG A 466 15.87 24.09 -18.29
N VAL A 467 15.53 23.99 -17.01
CA VAL A 467 14.19 24.35 -16.55
C VAL A 467 14.15 25.86 -16.40
N VAL A 468 13.38 26.51 -17.24
CA VAL A 468 13.34 27.96 -17.21
C VAL A 468 12.05 28.51 -16.60
N LYS A 469 11.05 27.67 -16.49
CA LYS A 469 9.89 28.04 -15.71
C LYS A 469 9.28 26.80 -15.14
N LEU A 470 8.82 26.91 -13.93
CA LEU A 470 8.17 25.82 -13.26
C LEU A 470 7.10 26.32 -12.31
N ASP A 471 5.83 26.15 -12.72
CA ASP A 471 4.72 26.66 -11.95
C ASP A 471 3.89 25.52 -11.48
N VAL A 472 3.33 25.66 -10.28
CA VAL A 472 2.63 24.56 -9.64
C VAL A 472 1.25 25.03 -9.11
N LEU A 473 0.30 24.11 -9.16
CA LEU A 473 -1.11 24.42 -8.70
C LEU A 473 -1.16 24.45 -7.20
N CYS A 474 -1.66 25.52 -6.64
CA CYS A 474 -1.76 25.67 -5.21
C CYS A 474 -2.71 24.60 -4.64
N THR A 475 -2.49 24.30 -3.36
CA THR A 475 -3.43 23.51 -2.53
C THR A 475 -4.09 24.33 -1.48
N SER A 476 -3.34 25.27 -0.83
CA SER A 476 -3.86 26.11 0.21
C SER A 476 -4.46 27.34 -0.41
N CYS A 477 -5.63 27.13 -1.03
CA CYS A 477 -6.27 28.20 -1.79
C CYS A 477 -7.67 27.67 -2.06
N ARG A 478 -8.63 28.58 -2.17
CA ARG A 478 -10.04 28.24 -2.46
C ARG A 478 -10.28 28.14 -3.96
N VAL A 479 -9.46 28.84 -4.72
CA VAL A 479 -9.51 28.78 -6.19
C VAL A 479 -8.13 28.26 -6.63
N PRO A 480 -8.07 27.07 -7.23
CA PRO A 480 -6.78 26.51 -7.71
C PRO A 480 -6.21 27.42 -8.80
N SER A 481 -4.95 27.81 -8.65
CA SER A 481 -4.26 28.56 -9.66
C SER A 481 -2.78 28.27 -9.54
N TYR A 482 -2.03 28.68 -10.54
CA TYR A 482 -0.58 28.34 -10.66
C TYR A 482 0.31 29.44 -10.16
N ASP A 483 1.34 29.05 -9.40
CA ASP A 483 2.33 30.01 -8.95
C ASP A 483 3.71 29.38 -9.11
N PRO A 484 4.72 30.23 -9.15
CA PRO A 484 6.07 29.67 -9.27
C PRO A 484 6.38 28.71 -8.16
N LEU A 485 7.08 27.65 -8.52
CA LEU A 485 7.60 26.74 -7.53
C LEU A 485 8.56 27.47 -6.63
N LYS A 486 8.49 27.16 -5.34
CA LYS A 486 9.39 27.70 -4.32
C LYS A 486 10.35 26.62 -3.83
N MET A 487 11.66 26.94 -3.83
CA MET A 487 12.65 25.89 -3.62
C MET A 487 12.57 25.31 -2.20
N ASP A 488 12.22 26.14 -1.22
CA ASP A 488 12.17 25.69 0.18
C ASP A 488 10.87 25.04 0.61
N GLU A 489 9.81 25.21 -0.17
CA GLU A 489 8.46 24.73 0.19
CA GLU A 489 8.49 24.73 0.23
C GLU A 489 8.37 23.23 -0.07
N VAL A 490 7.61 22.51 0.75
CA VAL A 490 7.41 21.07 0.56
C VAL A 490 6.08 20.86 -0.16
N TYR A 491 6.08 20.08 -1.23
CA TYR A 491 4.92 19.82 -2.05
C TYR A 491 4.51 18.36 -1.96
N LYS A 492 3.23 18.10 -1.85
CA LYS A 492 2.76 16.72 -2.05
C LYS A 492 2.71 16.45 -3.49
N VAL A 493 3.16 15.28 -3.89
CA VAL A 493 3.16 14.90 -5.29
C VAL A 493 2.74 13.42 -5.40
N ILE A 494 1.89 13.12 -6.38
CA ILE A 494 1.54 11.76 -6.67
CA ILE A 494 1.54 11.76 -6.67
C ILE A 494 2.45 11.28 -7.81
N LEU A 495 3.02 10.08 -7.67
CA LEU A 495 3.93 9.59 -8.67
C LEU A 495 4.08 8.07 -8.55
N PRO A 496 4.63 7.44 -9.59
CA PRO A 496 4.70 5.96 -9.52
C PRO A 496 5.64 5.52 -8.44
N ASN A 497 5.36 4.39 -7.77
CA ASN A 497 6.28 3.85 -6.81
C ASN A 497 7.67 3.61 -7.44
N PHE A 498 7.73 3.34 -8.75
CA PHE A 498 8.99 3.18 -9.42
C PHE A 498 9.87 4.41 -9.28
N LEU A 499 9.26 5.60 -9.39
CA LEU A 499 10.04 6.86 -9.16
C LEU A 499 10.35 7.18 -7.71
N ALA A 500 9.41 6.86 -6.81
CA ALA A 500 9.66 7.06 -5.39
C ALA A 500 10.86 6.23 -4.91
N ASN A 501 11.12 5.11 -5.56
CA ASN A 501 12.17 4.19 -5.27
C ASN A 501 13.41 4.53 -6.06
N GLY A 502 13.41 5.65 -6.80
CA GLY A 502 14.68 6.07 -7.49
C GLY A 502 14.88 5.49 -8.88
N GLY A 503 13.83 4.97 -9.46
CA GLY A 503 13.89 4.37 -10.78
C GLY A 503 14.16 5.41 -11.86
N ASP A 504 14.66 4.97 -12.99
CA ASP A 504 14.96 5.90 -14.14
C ASP A 504 15.92 7.00 -13.73
N GLY A 505 16.77 6.73 -12.77
CA GLY A 505 17.80 7.69 -12.38
C GLY A 505 17.34 8.79 -11.44
N PHE A 506 16.09 8.72 -10.93
CA PHE A 506 15.61 9.76 -10.02
C PHE A 506 16.06 9.52 -8.57
N GLN A 507 17.37 9.45 -8.41
CA GLN A 507 17.92 9.19 -7.08
C GLN A 507 17.61 10.32 -6.09
N MET A 508 17.45 11.54 -6.59
CA MET A 508 17.12 12.67 -5.76
C MET A 508 15.75 12.51 -5.12
N ILE A 509 14.81 11.86 -5.82
CA ILE A 509 13.49 11.62 -5.21
C ILE A 509 13.62 10.64 -4.02
N LYS A 510 14.21 9.50 -4.25
CA LYS A 510 14.48 8.53 -3.18
C LYS A 510 15.21 9.14 -2.00
N ASP A 511 16.27 9.90 -2.28
CA ASP A 511 17.21 10.34 -1.26
C ASP A 511 16.70 11.54 -0.49
N GLU A 512 15.87 12.37 -1.10
CA GLU A 512 15.42 13.61 -0.50
C GLU A 512 13.93 13.69 -0.08
N LEU A 513 13.17 12.67 -0.38
CA LEU A 513 11.73 12.78 -0.06
C LEU A 513 11.57 12.78 1.49
N LEU A 514 10.54 13.50 1.90
CA LEU A 514 10.25 13.72 3.32
CA LEU A 514 10.23 13.73 3.29
C LEU A 514 9.16 12.80 3.85
N ARG A 515 8.32 12.26 2.98
CA ARG A 515 7.28 11.30 3.37
C ARG A 515 6.95 10.48 2.14
N HIS A 516 6.53 9.23 2.36
CA HIS A 516 6.14 8.36 1.25
C HIS A 516 5.12 7.37 1.78
N ASP A 517 3.96 7.33 1.12
CA ASP A 517 2.91 6.36 1.43
C ASP A 517 2.48 5.70 0.18
N SER A 518 2.33 4.39 0.21
CA SER A 518 1.99 3.71 -1.02
CA SER A 518 1.98 3.66 -1.01
C SER A 518 0.52 3.90 -1.38
N GLY A 519 0.28 4.04 -2.65
CA GLY A 519 -1.05 4.32 -3.17
C GLY A 519 -1.75 3.18 -3.84
N ASP A 520 -2.77 3.51 -4.63
CA ASP A 520 -3.54 2.52 -5.26
C ASP A 520 -2.85 1.94 -6.52
N GLN A 521 -3.31 0.78 -6.92
CA GLN A 521 -2.78 0.15 -8.16
C GLN A 521 -2.90 1.04 -9.34
N ASP A 522 -1.84 1.14 -10.13
CA ASP A 522 -1.85 1.94 -11.29
C ASP A 522 -3.05 1.77 -12.25
N ILE A 523 -3.26 0.55 -12.74
CA ILE A 523 -4.36 0.30 -13.64
C ILE A 523 -5.70 0.73 -12.99
N ASN A 524 -5.88 0.36 -11.73
CA ASN A 524 -7.15 0.60 -11.03
C ASN A 524 -7.45 2.12 -10.96
N VAL A 525 -6.40 2.91 -10.78
CA VAL A 525 -6.56 4.36 -10.68
C VAL A 525 -7.18 4.86 -12.00
N VAL A 526 -6.55 4.41 -13.07
CA VAL A 526 -6.99 4.87 -14.41
C VAL A 526 -8.37 4.32 -14.75
N SER A 527 -8.61 3.02 -14.48
CA SER A 527 -9.86 2.39 -14.81
CA SER A 527 -9.87 2.36 -14.75
C SER A 527 -11.01 3.10 -14.06
N THR A 528 -10.79 3.45 -12.77
CA THR A 528 -11.83 4.11 -11.97
C THR A 528 -12.19 5.50 -12.57
N TYR A 529 -11.19 6.24 -12.97
CA TYR A 529 -11.36 7.58 -13.51
C TYR A 529 -12.16 7.45 -14.83
N ILE A 530 -11.79 6.49 -15.69
CA ILE A 530 -12.48 6.33 -16.95
C ILE A 530 -13.92 5.96 -16.72
N SER A 531 -14.16 5.04 -15.80
CA SER A 531 -15.53 4.59 -15.51
C SER A 531 -16.38 5.73 -15.06
N LYS A 532 -15.80 6.54 -14.19
CA LYS A 532 -16.50 7.72 -13.60
C LYS A 532 -16.79 8.79 -14.69
N MET A 533 -15.86 9.02 -15.59
CA MET A 533 -15.97 10.04 -16.62
C MET A 533 -16.84 9.57 -17.76
N LYS A 534 -16.89 8.28 -18.04
CA LYS A 534 -17.69 7.64 -19.13
C LYS A 534 -17.17 7.87 -20.54
N VAL A 535 -16.91 9.10 -20.89
CA VAL A 535 -16.42 9.45 -22.23
C VAL A 535 -15.29 10.40 -21.94
N ILE A 536 -14.09 10.06 -22.40
CA ILE A 536 -12.89 10.92 -22.16
C ILE A 536 -12.36 11.46 -23.48
N TYR A 537 -11.66 12.57 -23.34
CA TYR A 537 -11.13 13.33 -24.48
C TYR A 537 -9.90 14.19 -24.08
N PRO A 538 -8.89 13.58 -23.44
CA PRO A 538 -7.72 14.32 -23.05
C PRO A 538 -6.98 14.99 -24.20
N ALA A 539 -6.63 16.24 -23.99
CA ALA A 539 -5.92 17.03 -24.96
C ALA A 539 -4.44 17.20 -24.53
N VAL A 540 -3.59 17.59 -25.50
CA VAL A 540 -2.31 18.18 -25.20
C VAL A 540 -2.54 19.66 -25.08
N GLU A 541 -2.17 20.29 -23.98
CA GLU A 541 -2.63 21.60 -23.70
C GLU A 541 -1.62 22.60 -23.22
N GLY A 542 -0.32 22.25 -23.26
CA GLY A 542 0.71 23.19 -22.86
C GLY A 542 1.18 23.06 -21.45
N ARG A 543 0.95 21.91 -20.84
CA ARG A 543 1.56 21.65 -19.54
C ARG A 543 3.08 21.63 -19.63
N ILE A 544 3.63 21.14 -20.73
CA ILE A 544 5.08 21.10 -21.01
C ILE A 544 5.37 21.85 -22.26
N LYS A 545 6.21 22.86 -22.20
CA LYS A 545 6.63 23.56 -23.41
C LYS A 545 8.14 23.68 -23.48
N PHE A 546 8.60 23.90 -24.68
CA PHE A 546 10.01 24.17 -25.02
C PHE A 546 10.20 25.55 -25.57
N SER A 547 11.22 26.24 -25.13
CA SER A 547 11.57 27.59 -25.59
C SER A 547 12.32 27.41 -26.87
ZN ZN B . -0.79 1.01 4.48
ZN ZN C . 0.19 -1.03 2.18
C1 0XE D . 9.85 -4.97 -13.72
C2 0XE D . 9.08 -5.30 -12.60
C3 0XE D . 8.40 -4.31 -11.85
C4 0XE D . 8.45 -2.96 -12.21
C5 0XE D . 9.26 -2.60 -13.31
C6 0XE D . 9.90 -3.63 -14.09
C7 0XE D . 9.36 -1.23 -13.93
C8 0XE D . 8.33 -0.26 -13.74
C9 0XE D . 8.40 0.94 -14.48
O9 0XE D . 7.51 1.90 -14.49
O12 0XE D . 10.46 -1.11 -14.82
C11 0XE D . 10.61 0.02 -15.53
C10 0XE D . 9.57 1.07 -15.36
C17 0XE D . 9.66 2.30 -16.12
O17 0XE D . 8.67 3.19 -15.85
C16 0XE D . 10.85 2.50 -16.98
O16 0XE D . 11.08 3.66 -17.69
C14 0XE D . 11.72 0.20 -16.35
C15 0XE D . 11.85 1.37 -17.06
O18 0XE D . 12.95 1.54 -17.84
C18 0XE D . 12.94 2.03 -19.20
O22 0XE D . 12.84 0.85 -20.01
C22 0XE D . 12.83 1.20 -21.41
C23 0XE D . 12.50 -0.06 -22.15
O24 0XE D . 12.51 -1.12 -21.48
O23 0XE D . 12.22 0.01 -23.36
C19 0XE D . 14.16 2.95 -19.55
O19 0XE D . 14.06 4.28 -19.06
C20 0XE D . 14.42 3.15 -21.05
O20 0XE D . 15.77 3.65 -21.24
C21 0XE D . 14.16 1.85 -21.83
O21 0XE D . 14.13 2.19 -23.19
CA CA E . 4.13 -9.05 29.15
CL CL F . 7.64 4.45 8.69
#